data_4L7S
#
_entry.id   4L7S
#
_cell.length_a   146.857
_cell.length_b   69.523
_cell.length_c   68.617
_cell.angle_alpha   90.000
_cell.angle_beta   108.180
_cell.angle_gamma   90.000
#
_symmetry.space_group_name_H-M   'C 1 2 1'
#
loop_
_entity.id
_entity.type
_entity.pdbx_description
1 polymer 'Tyrosine-protein kinase ITK/TSK'
2 non-polymer trans-4-({4-[difluoro(4-fluorophenyl)methyl]-6-[(5-methoxy[1,3]thiazolo[5,4-b]pyridin-2-yl)amino]pyrimidin-2-yl}amino)cyclohexanol
3 non-polymer 'SULFATE ION'
4 water water
#
_entity_poly.entity_id   1
_entity_poly.type   'polypeptide(L)'
_entity_poly.pdbx_seq_one_letter_code
;GSVIDPSELTFVQEIGSGQFGLVHLGYWLNKDKVAIKTIREGAMSEEDFIEEAEVMMKLSHPKLVQLYGVCLEQAPICLV
FEFMEHGCLSDYLRTQRGLFAAETLLGMCLDVCEGMAYLEEACVIHRDLAARNCLVGENQVIKVSDFGMTRFVLDDQETS
STGTKFPVKWASPEVFSFSRYSSKSDVWSFGVLMWEVFSEGKIPYENRSNSEVVEDISTGFRLYKPRLASTHVYQIMNHC
WKERPEDRPAFSRLLRQLAEIAESGL
;
_entity_poly.pdbx_strand_id   A,B
#
loop_
_chem_comp.id
_chem_comp.type
_chem_comp.name
_chem_comp.formula
G7K non-polymer trans-4-({4-[difluoro(4-fluorophenyl)methyl]-6-[(5-methoxy[1,3]thiazolo[5,4-b]pyridin-2-yl)amino]pyrimidin-2-yl}amino)cyclohexanol 'C24 H23 F3 N6 O2 S'
SO4 non-polymer 'SULFATE ION' 'O4 S -2'
#
# COMPACT_ATOMS: atom_id res chain seq x y z
N GLY A 1 13.88 0.94 -3.24
CA GLY A 1 13.31 1.60 -2.05
C GLY A 1 14.22 2.61 -1.39
N SER A 2 13.62 3.35 -0.47
CA SER A 2 14.36 4.37 0.26
C SER A 2 15.29 3.79 1.35
N VAL A 3 16.45 4.39 1.50
CA VAL A 3 17.40 3.99 2.52
C VAL A 3 17.15 4.88 3.71
N ILE A 4 17.02 4.28 4.88
CA ILE A 4 16.79 5.01 6.11
C ILE A 4 18.06 4.97 6.97
N ASP A 5 18.48 6.13 7.46
CA ASP A 5 19.62 6.21 8.39
C ASP A 5 19.18 5.77 9.83
N PRO A 6 20.04 5.06 10.57
CA PRO A 6 19.68 4.65 11.94
C PRO A 6 19.27 5.79 12.90
N SER A 7 19.90 6.96 12.71
CA SER A 7 19.57 8.16 13.48
C SER A 7 18.11 8.63 13.28
N GLU A 8 17.42 8.17 12.24
CA GLU A 8 16.03 8.58 11.97
C GLU A 8 14.97 7.71 12.67
N LEU A 9 15.40 6.62 13.30
CA LEU A 9 14.53 5.70 13.94
C LEU A 9 14.51 5.91 15.44
N THR A 10 13.34 5.88 16.02
CA THR A 10 13.16 5.91 17.46
C THR A 10 12.53 4.60 17.87
N PHE A 11 13.21 3.82 18.72
CA PHE A 11 12.68 2.53 19.19
C PHE A 11 11.86 2.75 20.45
N VAL A 12 10.56 2.43 20.44
CA VAL A 12 9.70 2.72 21.58
C VAL A 12 9.45 1.50 22.47
N GLN A 13 9.05 0.39 21.86
CA GLN A 13 8.72 -0.83 22.61
C GLN A 13 8.97 -2.08 21.77
N GLU A 14 9.68 -3.05 22.35
CA GLU A 14 9.85 -4.35 21.72
C GLU A 14 8.54 -5.10 21.82
N ILE A 15 7.99 -5.54 20.69
CA ILE A 15 6.70 -6.19 20.67
C ILE A 15 6.78 -7.65 20.25
N GLY A 16 7.86 -8.02 19.59
CA GLY A 16 7.99 -9.40 19.12
C GLY A 16 9.42 -9.85 19.07
N SER A 17 9.61 -11.14 19.27
CA SER A 17 10.93 -11.74 19.30
C SER A 17 10.86 -13.09 18.61
N GLY A 18 11.12 -13.11 17.30
CA GLY A 18 11.07 -14.35 16.50
C GLY A 18 12.42 -15.04 16.33
N GLN A 19 12.46 -16.00 15.41
CA GLN A 19 13.71 -16.72 15.07
C GLN A 19 14.63 -15.85 14.20
N PHE A 20 14.04 -15.16 13.22
CA PHE A 20 14.76 -14.27 12.29
C PHE A 20 15.03 -12.85 12.84
N GLY A 21 14.53 -12.54 14.04
CA GLY A 21 14.82 -11.27 14.70
C GLY A 21 13.68 -10.62 15.51
N LEU A 22 13.99 -9.43 16.04
CA LEU A 22 13.09 -8.70 16.92
C LEU A 22 12.19 -7.75 16.17
N VAL A 23 11.02 -7.48 16.72
CA VAL A 23 10.15 -6.44 16.16
C VAL A 23 9.88 -5.38 17.24
N HIS A 24 10.01 -4.11 16.85
CA HIS A 24 9.75 -3.01 17.75
C HIS A 24 8.78 -2.04 17.18
N LEU A 25 7.90 -1.56 18.03
CA LEU A 25 7.12 -0.35 17.72
C LEU A 25 8.14 0.79 17.76
N GLY A 26 8.11 1.63 16.73
CA GLY A 26 8.99 2.78 16.62
C GLY A 26 8.40 3.98 15.88
N TYR A 27 9.21 5.01 15.69
CA TYR A 27 8.87 6.13 14.83
C TYR A 27 10.02 6.38 13.86
N TRP A 28 9.66 6.74 12.63
CA TRP A 28 10.60 7.22 11.66
C TRP A 28 10.43 8.73 11.51
N LEU A 29 11.55 9.44 11.57
CA LEU A 29 11.58 10.90 11.40
C LEU A 29 10.74 11.62 12.46
N ASN A 30 10.58 10.99 13.62
CA ASN A 30 9.70 11.52 14.66
C ASN A 30 8.27 11.81 14.22
N LYS A 31 7.81 11.04 13.25
CA LYS A 31 6.56 11.28 12.59
C LYS A 31 5.77 10.00 12.39
N ASP A 32 6.24 9.12 11.52
CA ASP A 32 5.47 7.94 11.17
C ASP A 32 5.69 6.80 12.11
N LYS A 33 4.59 6.22 12.56
CA LYS A 33 4.65 5.05 13.40
C LYS A 33 5.06 3.86 12.52
N VAL A 34 6.04 3.08 12.97
CA VAL A 34 6.61 1.99 12.19
C VAL A 34 6.85 0.73 13.02
N ALA A 35 6.81 -0.42 12.32
CA ALA A 35 7.25 -1.68 12.88
C ALA A 35 8.64 -1.91 12.33
N ILE A 36 9.63 -1.95 13.22
CA ILE A 36 11.01 -2.11 12.86
C ILE A 36 11.39 -3.55 13.12
N LYS A 37 11.90 -4.20 12.07
CA LYS A 37 12.25 -5.61 12.14
C LYS A 37 13.78 -5.70 12.07
N THR A 38 14.40 -6.07 13.19
CA THR A 38 15.84 -6.17 13.26
C THR A 38 16.30 -7.57 12.95
N ILE A 39 17.32 -7.71 12.11
CA ILE A 39 17.83 -9.04 11.77
C ILE A 39 18.39 -9.68 13.02
N ARG A 40 18.32 -11.01 13.07
CA ARG A 40 18.98 -11.79 14.11
C ARG A 40 20.38 -12.14 13.59
N GLU A 41 21.41 -11.55 14.19
CA GLU A 41 22.80 -11.76 13.74
C GLU A 41 23.15 -13.24 13.67
N GLY A 42 23.59 -13.69 12.50
CA GLY A 42 24.00 -15.08 12.30
C GLY A 42 22.87 -15.95 11.80
N ALA A 43 21.69 -15.82 12.42
CA ALA A 43 20.53 -16.64 12.09
C ALA A 43 20.08 -16.53 10.62
N MET A 44 20.50 -15.47 9.94
CA MET A 44 20.15 -15.25 8.54
C MET A 44 21.12 -14.26 7.91
N SER A 45 21.35 -14.38 6.60
CA SER A 45 22.32 -13.53 5.91
C SER A 45 21.71 -12.18 5.54
N GLU A 46 22.50 -11.11 5.69
CA GLU A 46 22.04 -9.76 5.37
C GLU A 46 21.57 -9.64 3.91
N GLU A 47 22.23 -10.34 3.00
CA GLU A 47 21.84 -10.32 1.58
C GLU A 47 20.40 -10.81 1.37
N ASP A 48 20.08 -11.95 1.99
CA ASP A 48 18.76 -12.57 1.89
C ASP A 48 17.69 -11.72 2.55
N PHE A 49 18.00 -11.24 3.74
CA PHE A 49 17.14 -10.37 4.55
C PHE A 49 16.82 -9.10 3.77
N ILE A 50 17.82 -8.52 3.11
CA ILE A 50 17.62 -7.33 2.28
C ILE A 50 16.81 -7.59 1.00
N GLU A 51 17.07 -8.72 0.36
CA GLU A 51 16.40 -9.11 -0.88
C GLU A 51 14.90 -9.34 -0.63
N GLU A 52 14.55 -9.87 0.52
CA GLU A 52 13.12 -9.95 0.89
C GLU A 52 12.46 -8.57 0.81
N ALA A 53 13.13 -7.54 1.34
CA ALA A 53 12.59 -6.18 1.28
C ALA A 53 12.38 -5.69 -0.15
N GLU A 54 13.39 -5.88 -0.99
CA GLU A 54 13.37 -5.46 -2.37
C GLU A 54 12.17 -6.06 -3.10
N VAL A 55 11.96 -7.35 -2.89
CA VAL A 55 10.84 -8.06 -3.48
C VAL A 55 9.57 -7.39 -3.03
N MET A 56 9.44 -7.18 -1.73
CA MET A 56 8.24 -6.60 -1.19
C MET A 56 7.95 -5.18 -1.66
N MET A 57 8.98 -4.38 -1.82
CA MET A 57 8.80 -2.97 -2.15
C MET A 57 8.25 -2.68 -3.59
N LYS A 58 8.18 -3.73 -4.42
CA LYS A 58 7.63 -3.63 -5.77
C LYS A 58 6.33 -4.46 -5.95
N LEU A 59 5.71 -4.85 -4.85
CA LEU A 59 4.47 -5.63 -4.87
C LEU A 59 3.44 -4.79 -4.13
N SER A 60 2.69 -4.00 -4.89
CA SER A 60 1.73 -3.07 -4.32
C SER A 60 0.26 -3.52 -4.45
N HIS A 61 -0.30 -3.93 -3.31
CA HIS A 61 -1.70 -4.30 -3.22
C HIS A 61 -2.26 -3.86 -1.85
N PRO A 62 -3.55 -3.44 -1.79
CA PRO A 62 -4.10 -2.99 -0.52
C PRO A 62 -4.06 -4.03 0.63
N LYS A 63 -3.94 -5.33 0.31
CA LYS A 63 -3.97 -6.40 1.31
C LYS A 63 -2.57 -7.06 1.51
N LEU A 64 -1.56 -6.34 1.12
CA LEU A 64 -0.17 -6.71 1.32
C LEU A 64 0.52 -5.62 2.10
N VAL A 65 1.25 -6.00 3.15
CA VAL A 65 1.90 -4.98 3.99
C VAL A 65 2.96 -4.22 3.27
N GLN A 66 3.17 -2.96 3.67
CA GLN A 66 4.11 -2.13 3.01
C GLN A 66 5.32 -1.72 3.87
N LEU A 67 6.41 -1.36 3.19
CA LEU A 67 7.62 -0.83 3.83
C LEU A 67 7.86 0.64 3.60
N TYR A 68 8.49 1.31 4.58
CA TYR A 68 9.01 2.63 4.36
C TYR A 68 10.39 2.55 3.80
N GLY A 69 11.10 1.48 4.12
CA GLY A 69 12.46 1.34 3.70
C GLY A 69 13.32 0.39 4.51
N VAL A 70 14.60 0.45 4.20
CA VAL A 70 15.61 -0.40 4.77
C VAL A 70 16.71 0.41 5.47
N CYS A 71 17.20 -0.12 6.59
CA CYS A 71 18.26 0.53 7.35
C CYS A 71 19.46 -0.39 7.35
N LEU A 72 20.42 -0.07 6.48
CA LEU A 72 21.60 -0.90 6.27
C LEU A 72 22.86 -0.47 7.00
N GLU A 73 22.99 0.83 7.28
CA GLU A 73 24.26 1.42 7.75
C GLU A 73 24.79 0.76 9.01
N GLN A 74 23.97 0.72 10.05
CA GLN A 74 24.38 0.16 11.32
C GLN A 74 23.74 -1.19 11.65
N ALA A 75 24.59 -2.22 11.63
CA ALA A 75 24.23 -3.56 12.06
C ALA A 75 23.97 -3.52 13.57
N PRO A 76 22.91 -4.20 14.04
CA PRO A 76 22.08 -5.08 13.24
C PRO A 76 21.11 -4.30 12.31
N ILE A 77 21.11 -4.69 11.04
CA ILE A 77 20.32 -4.05 10.01
C ILE A 77 18.83 -4.32 10.25
N CYS A 78 17.99 -3.47 9.69
CA CYS A 78 16.58 -3.64 9.89
C CYS A 78 15.73 -3.17 8.72
N LEU A 79 14.51 -3.68 8.72
CA LEU A 79 13.51 -3.28 7.76
C LEU A 79 12.50 -2.44 8.52
N VAL A 80 12.00 -1.41 7.85
CA VAL A 80 11.07 -0.53 8.49
C VAL A 80 9.74 -0.58 7.73
N PHE A 81 8.72 -1.13 8.40
CA PHE A 81 7.41 -1.35 7.87
C PHE A 81 6.46 -0.35 8.47
N GLU A 82 5.33 -0.18 7.79
CA GLU A 82 4.21 0.53 8.31
C GLU A 82 3.75 -0.21 9.55
N PHE A 83 3.17 0.50 10.52
CA PHE A 83 2.70 -0.13 11.75
C PHE A 83 1.24 -0.54 11.61
N MET A 84 0.98 -1.83 11.76
CA MET A 84 -0.37 -2.39 11.69
C MET A 84 -0.92 -2.34 13.13
N GLU A 85 -1.99 -1.55 13.31
CA GLU A 85 -2.48 -1.19 14.64
C GLU A 85 -2.93 -2.33 15.52
N HIS A 86 -3.34 -3.45 14.96
CA HIS A 86 -3.85 -4.55 15.79
C HIS A 86 -3.03 -5.83 15.77
N GLY A 87 -1.79 -5.78 15.28
CA GLY A 87 -0.90 -6.93 15.44
C GLY A 87 -1.25 -8.12 14.60
N CYS A 88 -0.84 -9.30 15.02
CA CYS A 88 -1.00 -10.43 14.12
C CYS A 88 -2.41 -11.05 14.28
N LEU A 89 -2.88 -11.62 13.19
CA LEU A 89 -4.25 -12.13 13.06
C LEU A 89 -4.48 -13.27 14.02
N SER A 90 -3.51 -14.18 14.17
CA SER A 90 -3.72 -15.32 15.07
C SER A 90 -3.98 -14.83 16.48
N ASP A 91 -3.20 -13.88 16.95
CA ASP A 91 -3.38 -13.38 18.31
C ASP A 91 -4.69 -12.56 18.43
N TYR A 92 -5.01 -11.79 17.39
CA TYR A 92 -6.21 -10.94 17.36
C TYR A 92 -7.48 -11.80 17.51
N LEU A 93 -7.54 -12.86 16.71
CA LEU A 93 -8.67 -13.80 16.73
C LEU A 93 -8.84 -14.36 18.13
N ARG A 94 -7.71 -14.71 18.73
CA ARG A 94 -7.68 -15.33 20.07
C ARG A 94 -8.22 -14.36 21.13
N THR A 95 -7.72 -13.13 21.13
CA THR A 95 -8.15 -12.13 22.12
C THR A 95 -9.60 -11.65 21.91
N GLN A 96 -10.09 -11.65 20.67
CA GLN A 96 -11.48 -11.24 20.41
C GLN A 96 -12.49 -12.42 20.35
N ARG A 97 -12.05 -13.62 20.73
CA ARG A 97 -12.90 -14.79 20.61
C ARG A 97 -14.28 -14.55 21.24
N GLY A 98 -15.33 -14.88 20.48
CA GLY A 98 -16.71 -14.70 20.91
C GLY A 98 -17.36 -13.40 20.45
N LEU A 99 -16.57 -12.47 19.92
CA LEU A 99 -17.06 -11.15 19.50
C LEU A 99 -17.13 -11.03 17.97
N PHE A 100 -17.05 -12.16 17.25
CA PHE A 100 -17.04 -12.13 15.78
C PHE A 100 -18.28 -12.72 15.18
N ALA A 101 -18.88 -11.99 14.27
CA ALA A 101 -19.95 -12.54 13.46
C ALA A 101 -19.26 -13.34 12.36
N ALA A 102 -19.90 -14.41 11.92
CA ALA A 102 -19.34 -15.23 10.86
C ALA A 102 -19.04 -14.40 9.60
N GLU A 103 -19.84 -13.38 9.36
CA GLU A 103 -19.65 -12.47 8.21
C GLU A 103 -18.29 -11.78 8.27
N THR A 104 -17.91 -11.31 9.46
CA THR A 104 -16.60 -10.68 9.70
C THR A 104 -15.44 -11.63 9.48
N LEU A 105 -15.59 -12.87 9.94
CA LEU A 105 -14.57 -13.90 9.74
C LEU A 105 -14.38 -14.23 8.25
N LEU A 106 -15.48 -14.37 7.51
CA LEU A 106 -15.41 -14.57 6.07
C LEU A 106 -14.68 -13.40 5.40
N GLY A 107 -14.97 -12.17 5.84
CA GLY A 107 -14.31 -10.97 5.28
C GLY A 107 -12.79 -10.97 5.47
N MET A 108 -12.33 -11.49 6.59
CA MET A 108 -10.90 -11.63 6.85
C MET A 108 -10.25 -12.61 5.87
N CYS A 109 -10.90 -13.74 5.64
CA CYS A 109 -10.44 -14.70 4.63
C CYS A 109 -10.41 -14.08 3.25
N LEU A 110 -11.40 -13.27 2.94
CA LEU A 110 -11.46 -12.60 1.65
C LEU A 110 -10.31 -11.62 1.46
N ASP A 111 -10.01 -10.85 2.51
CA ASP A 111 -8.87 -9.94 2.48
C ASP A 111 -7.58 -10.68 2.13
N VAL A 112 -7.34 -11.80 2.79
CA VAL A 112 -6.10 -12.57 2.59
C VAL A 112 -6.09 -13.19 1.20
N CYS A 113 -7.24 -13.66 0.75
CA CYS A 113 -7.37 -14.22 -0.59
C CYS A 113 -7.11 -13.21 -1.69
N GLU A 114 -7.51 -11.94 -1.50
CA GLU A 114 -7.24 -10.92 -2.50
C GLU A 114 -5.73 -10.68 -2.64
N GLY A 115 -5.03 -10.51 -1.54
CA GLY A 115 -3.55 -10.35 -1.56
C GLY A 115 -2.83 -11.57 -2.17
N MET A 116 -3.27 -12.78 -1.83
CA MET A 116 -2.72 -14.02 -2.36
C MET A 116 -3.03 -14.19 -3.85
N ALA A 117 -4.18 -13.68 -4.34
CA ALA A 117 -4.46 -13.72 -5.78
C ALA A 117 -3.53 -12.81 -6.52
N TYR A 118 -3.21 -11.70 -5.89
CA TYR A 118 -2.22 -10.79 -6.44
C TYR A 118 -0.83 -11.43 -6.51
N LEU A 119 -0.44 -12.09 -5.42
CA LEU A 119 0.85 -12.78 -5.39
C LEU A 119 0.90 -13.90 -6.43
N GLU A 120 -0.16 -14.68 -6.51
CA GLU A 120 -0.25 -15.77 -7.47
C GLU A 120 -0.03 -15.30 -8.89
N GLU A 121 -0.70 -14.21 -9.27
N GLU A 121 -0.70 -14.21 -9.28
CA GLU A 121 -0.58 -13.56 -10.61
CA GLU A 121 -0.57 -13.67 -10.63
C GLU A 121 0.86 -13.11 -10.85
C GLU A 121 0.84 -13.06 -10.87
N ALA A 122 1.50 -12.58 -9.80
CA ALA A 122 2.89 -12.13 -9.90
C ALA A 122 3.88 -13.31 -9.85
N CYS A 123 3.38 -14.54 -9.75
CA CYS A 123 4.20 -15.75 -9.63
C CYS A 123 5.13 -15.69 -8.39
N VAL A 124 4.59 -15.14 -7.31
CA VAL A 124 5.29 -15.08 -6.04
C VAL A 124 4.64 -16.12 -5.14
N ILE A 125 5.45 -17.07 -4.67
CA ILE A 125 5.04 -18.13 -3.79
C ILE A 125 5.35 -17.70 -2.35
N HIS A 126 4.40 -17.79 -1.45
CA HIS A 126 4.60 -17.28 -0.07
C HIS A 126 5.49 -18.25 0.74
N ARG A 127 5.12 -19.53 0.74
CA ARG A 127 5.83 -20.61 1.44
C ARG A 127 5.47 -20.76 2.92
N ASP A 128 4.94 -19.73 3.57
CA ASP A 128 4.67 -19.78 4.99
C ASP A 128 3.42 -18.99 5.39
N LEU A 129 2.34 -19.25 4.66
CA LEU A 129 1.09 -18.54 4.89
C LEU A 129 0.40 -19.18 6.10
N ALA A 130 0.02 -18.34 7.05
CA ALA A 130 -0.55 -18.75 8.32
C ALA A 130 -1.08 -17.48 8.97
N ALA A 131 -2.10 -17.62 9.80
CA ALA A 131 -2.63 -16.49 10.54
C ALA A 131 -1.54 -15.70 11.25
N ARG A 132 -0.48 -16.39 11.70
CA ARG A 132 0.62 -15.68 12.40
C ARG A 132 1.40 -14.75 11.48
N ASN A 133 1.28 -14.92 10.16
CA ASN A 133 1.99 -14.09 9.18
C ASN A 133 0.99 -13.15 8.44
N CYS A 134 -0.18 -12.92 9.03
CA CYS A 134 -1.12 -11.91 8.60
C CYS A 134 -1.25 -10.86 9.71
N LEU A 135 -1.53 -9.62 9.34
CA LEU A 135 -1.59 -8.51 10.26
C LEU A 135 -2.98 -7.81 10.18
N VAL A 136 -3.39 -7.19 11.28
CA VAL A 136 -4.70 -6.58 11.42
C VAL A 136 -4.55 -5.08 11.54
N GLY A 137 -5.17 -4.36 10.61
CA GLY A 137 -5.15 -2.90 10.61
C GLY A 137 -6.44 -2.33 11.18
N GLU A 138 -6.75 -1.09 10.83
CA GLU A 138 -8.00 -0.47 11.31
C GLU A 138 -9.22 -1.11 10.62
N ASN A 139 -10.36 -1.06 11.31
CA ASN A 139 -11.59 -1.64 10.80
C ASN A 139 -11.34 -3.07 10.36
N GLN A 140 -10.46 -3.76 11.08
CA GLN A 140 -10.14 -5.14 10.86
C GLN A 140 -9.72 -5.54 9.44
N VAL A 141 -9.06 -4.63 8.72
CA VAL A 141 -8.46 -4.94 7.42
C VAL A 141 -7.30 -5.92 7.66
N ILE A 142 -7.31 -7.03 6.95
CA ILE A 142 -6.18 -7.96 7.05
C ILE A 142 -5.21 -7.76 5.91
N LYS A 143 -3.92 -7.71 6.23
CA LYS A 143 -2.87 -7.75 5.22
C LYS A 143 -1.96 -8.98 5.43
N VAL A 144 -1.49 -9.51 4.31
CA VAL A 144 -0.51 -10.56 4.28
C VAL A 144 0.88 -9.98 4.53
N SER A 145 1.66 -10.67 5.34
CA SER A 145 3.00 -10.21 5.67
C SER A 145 4.01 -11.30 5.35
N ASP A 146 5.29 -10.94 5.44
CA ASP A 146 6.39 -11.88 5.23
C ASP A 146 6.29 -12.68 3.92
N PHE A 147 6.09 -11.98 2.80
CA PHE A 147 5.76 -12.66 1.54
C PHE A 147 6.88 -12.60 0.52
N GLY A 148 8.03 -12.06 0.90
CA GLY A 148 9.15 -11.95 0.00
C GLY A 148 10.25 -12.99 0.18
N MET A 149 9.97 -14.09 0.88
CA MET A 149 11.03 -15.10 1.15
C MET A 149 11.39 -15.99 -0.05
N THR A 150 12.64 -16.41 -0.10
CA THR A 150 13.19 -17.31 -1.13
C THR A 150 12.71 -18.74 -0.94
N PRO A 167 7.16 -25.51 9.67
CA PRO A 167 5.77 -25.46 10.15
C PRO A 167 4.87 -26.45 9.40
N VAL A 168 5.01 -27.72 9.78
CA VAL A 168 4.32 -28.82 9.12
C VAL A 168 2.80 -28.73 9.11
N LYS A 169 2.24 -28.01 10.08
CA LYS A 169 0.80 -27.87 10.20
C LYS A 169 0.08 -27.10 9.09
N TRP A 170 0.82 -26.24 8.39
CA TRP A 170 0.30 -25.46 7.25
C TRP A 170 0.84 -25.92 5.88
N ALA A 171 1.63 -26.99 5.89
CA ALA A 171 2.28 -27.50 4.70
C ALA A 171 1.42 -28.55 4.01
N SER A 172 1.33 -28.42 2.68
CA SER A 172 0.64 -29.42 1.84
C SER A 172 1.49 -30.66 1.82
N PRO A 173 0.87 -31.82 1.49
CA PRO A 173 1.69 -33.02 1.50
C PRO A 173 2.85 -33.03 0.51
N GLU A 174 2.70 -32.39 -0.64
CA GLU A 174 3.81 -32.39 -1.57
C GLU A 174 4.96 -31.51 -1.05
N VAL A 175 4.64 -30.54 -0.20
CA VAL A 175 5.65 -29.75 0.47
C VAL A 175 6.32 -30.54 1.59
N PHE A 176 5.55 -31.21 2.45
CA PHE A 176 6.17 -31.84 3.60
C PHE A 176 6.94 -33.13 3.26
N SER A 177 6.65 -33.73 2.10
CA SER A 177 7.37 -34.92 1.62
C SER A 177 8.44 -34.60 0.58
N PHE A 178 8.22 -33.59 -0.27
CA PHE A 178 9.13 -33.36 -1.39
C PHE A 178 9.61 -31.94 -1.64
N SER A 179 9.21 -30.99 -0.78
CA SER A 179 9.49 -29.55 -0.96
C SER A 179 9.06 -29.02 -2.33
N ARG A 180 7.90 -29.45 -2.82
CA ARG A 180 7.39 -28.94 -4.08
C ARG A 180 6.48 -27.77 -3.78
N TYR A 181 7.08 -26.59 -3.67
CA TYR A 181 6.37 -25.34 -3.38
C TYR A 181 5.71 -24.83 -4.64
N SER A 182 4.53 -24.25 -4.50
CA SER A 182 3.82 -23.68 -5.64
C SER A 182 2.69 -22.81 -5.12
N SER A 183 2.06 -22.06 -6.01
CA SER A 183 0.86 -21.34 -5.58
C SER A 183 -0.23 -22.30 -5.04
N LYS A 184 -0.30 -23.53 -5.53
CA LYS A 184 -1.25 -24.52 -5.02
C LYS A 184 -0.88 -25.05 -3.64
N SER A 185 0.41 -25.07 -3.27
CA SER A 185 0.83 -25.38 -1.87
C SER A 185 0.41 -24.20 -0.94
N ASP A 186 0.55 -22.96 -1.41
CA ASP A 186 -0.05 -21.80 -0.70
C ASP A 186 -1.58 -21.93 -0.49
N VAL A 187 -2.29 -22.48 -1.45
CA VAL A 187 -3.71 -22.71 -1.28
C VAL A 187 -4.01 -23.69 -0.16
N TRP A 188 -3.24 -24.77 -0.04
CA TRP A 188 -3.41 -25.71 1.08
C TRP A 188 -3.27 -24.91 2.36
N SER A 189 -2.19 -24.13 2.46
CA SER A 189 -1.97 -23.27 3.64
C SER A 189 -3.11 -22.30 3.92
N PHE A 190 -3.70 -21.78 2.87
CA PHE A 190 -4.80 -20.86 3.01
C PHE A 190 -5.99 -21.59 3.64
N GLY A 191 -6.22 -22.83 3.27
CA GLY A 191 -7.24 -23.63 3.87
C GLY A 191 -7.04 -23.72 5.37
N VAL A 192 -5.81 -23.98 5.80
CA VAL A 192 -5.55 -24.04 7.25
C VAL A 192 -5.78 -22.65 7.87
N LEU A 193 -5.39 -21.58 7.16
CA LEU A 193 -5.59 -20.21 7.66
C LEU A 193 -7.09 -19.94 7.80
N MET A 194 -7.87 -20.42 6.85
CA MET A 194 -9.34 -20.30 6.97
C MET A 194 -9.83 -21.01 8.25
N TRP A 195 -9.27 -22.19 8.54
CA TRP A 195 -9.67 -22.94 9.74
C TRP A 195 -9.30 -22.15 11.00
N GLU A 196 -8.09 -21.55 11.02
CA GLU A 196 -7.68 -20.69 12.14
C GLU A 196 -8.67 -19.51 12.33
N VAL A 197 -9.10 -18.88 11.25
CA VAL A 197 -10.01 -17.74 11.33
C VAL A 197 -11.36 -18.18 11.90
N PHE A 198 -11.96 -19.19 11.31
CA PHE A 198 -13.25 -19.64 11.74
C PHE A 198 -13.27 -20.34 13.11
N SER A 199 -12.14 -20.87 13.56
CA SER A 199 -12.08 -21.42 14.93
C SER A 199 -11.68 -20.31 15.91
N GLU A 200 -11.51 -19.10 15.38
CA GLU A 200 -11.14 -17.92 16.17
C GLU A 200 -9.78 -18.14 16.91
N GLY A 201 -8.78 -18.57 16.15
CA GLY A 201 -7.41 -18.72 16.65
C GLY A 201 -6.99 -19.97 17.37
N LYS A 202 -7.74 -21.06 17.26
CA LYS A 202 -7.27 -22.34 17.76
C LYS A 202 -5.99 -22.72 16.98
N ILE A 203 -5.17 -23.55 17.59
CA ILE A 203 -3.95 -24.05 17.00
C ILE A 203 -4.34 -25.29 16.21
N PRO A 204 -4.02 -25.35 14.90
CA PRO A 204 -4.39 -26.58 14.16
C PRO A 204 -3.60 -27.79 14.65
N TYR A 205 -4.25 -28.95 14.72
CA TYR A 205 -3.59 -30.20 15.16
C TYR A 205 -2.84 -30.02 16.49
N GLU A 206 -3.50 -29.41 17.46
CA GLU A 206 -2.91 -29.14 18.76
C GLU A 206 -2.38 -30.39 19.49
N ASN A 207 -1.18 -30.21 20.01
CA ASN A 207 -0.49 -31.20 20.78
C ASN A 207 -0.17 -32.46 19.95
N ARG A 208 -0.17 -32.33 18.62
CA ARG A 208 0.23 -33.44 17.77
C ARG A 208 1.63 -33.19 17.23
N SER A 209 2.44 -34.24 17.17
CA SER A 209 3.80 -34.10 16.65
C SER A 209 3.70 -34.07 15.11
N ASN A 210 4.80 -33.68 14.46
CA ASN A 210 4.86 -33.63 13.00
C ASN A 210 4.56 -35.00 12.38
N SER A 211 5.18 -36.05 12.91
CA SER A 211 4.95 -37.42 12.46
C SER A 211 3.46 -37.73 12.49
N GLU A 212 2.79 -37.36 13.58
CA GLU A 212 1.36 -37.64 13.74
C GLU A 212 0.52 -36.88 12.72
N VAL A 213 0.85 -35.61 12.49
CA VAL A 213 0.14 -34.77 11.51
C VAL A 213 0.29 -35.36 10.10
N VAL A 214 1.54 -35.65 9.71
CA VAL A 214 1.84 -36.26 8.42
C VAL A 214 1.04 -37.53 8.22
N GLU A 215 1.07 -38.42 9.20
CA GLU A 215 0.29 -39.65 9.15
C GLU A 215 -1.20 -39.40 9.07
N ASP A 216 -1.71 -38.47 9.87
CA ASP A 216 -3.14 -38.17 9.85
C ASP A 216 -3.58 -37.71 8.44
N ILE A 217 -2.89 -36.72 7.89
CA ILE A 217 -3.17 -36.20 6.53
C ILE A 217 -3.02 -37.26 5.44
N SER A 218 -1.97 -38.08 5.52
CA SER A 218 -1.73 -39.14 4.52
C SER A 218 -2.82 -40.22 4.57
N THR A 219 -3.46 -40.33 5.73
CA THR A 219 -4.60 -41.21 5.97
C THR A 219 -5.93 -40.63 5.41
N GLY A 220 -6.03 -39.31 5.26
CA GLY A 220 -7.29 -38.69 4.81
C GLY A 220 -7.97 -37.78 5.83
N PHE A 221 -7.46 -37.79 7.07
CA PHE A 221 -7.90 -36.88 8.14
C PHE A 221 -7.73 -35.42 7.69
N ARG A 222 -8.71 -34.60 8.02
CA ARG A 222 -8.64 -33.16 7.82
C ARG A 222 -9.16 -32.51 9.07
N LEU A 223 -8.74 -31.26 9.29
CA LEU A 223 -9.25 -30.43 10.39
C LEU A 223 -10.79 -30.44 10.37
N TYR A 224 -11.36 -30.55 11.56
CA TYR A 224 -12.79 -30.58 11.77
C TYR A 224 -13.42 -29.22 11.44
N LYS A 225 -14.69 -29.24 11.10
CA LYS A 225 -15.41 -28.04 10.76
C LYS A 225 -15.60 -27.18 12.02
N PRO A 226 -15.08 -25.95 12.02
CA PRO A 226 -15.35 -25.14 13.23
C PRO A 226 -16.82 -24.75 13.32
N ARG A 227 -17.34 -24.54 14.53
CA ARG A 227 -18.73 -24.17 14.76
C ARG A 227 -19.23 -22.98 13.93
N LEU A 228 -18.43 -21.93 13.82
CA LEU A 228 -18.88 -20.74 13.08
C LEU A 228 -18.78 -20.86 11.55
N ALA A 229 -18.18 -21.95 11.05
CA ALA A 229 -18.07 -22.19 9.61
C ALA A 229 -19.32 -22.91 9.14
N SER A 230 -19.97 -22.38 8.10
CA SER A 230 -21.11 -23.07 7.48
C SER A 230 -20.61 -24.26 6.63
N THR A 231 -21.56 -25.06 6.17
CA THR A 231 -21.29 -26.18 5.28
C THR A 231 -20.53 -25.75 4.04
N HIS A 232 -20.95 -24.65 3.42
CA HIS A 232 -20.29 -24.11 2.22
C HIS A 232 -18.89 -23.67 2.48
N VAL A 233 -18.67 -22.98 3.59
CA VAL A 233 -17.35 -22.54 4.01
C VAL A 233 -16.42 -23.78 4.14
N TYR A 234 -16.90 -24.85 4.78
CA TYR A 234 -16.14 -26.09 4.98
C TYR A 234 -15.86 -26.82 3.67
N GLN A 235 -16.82 -26.80 2.76
CA GLN A 235 -16.59 -27.32 1.40
C GLN A 235 -15.43 -26.60 0.72
N ILE A 236 -15.32 -25.29 0.90
CA ILE A 236 -14.19 -24.53 0.31
C ILE A 236 -12.85 -24.88 0.98
N MET A 237 -12.82 -24.98 2.30
CA MET A 237 -11.63 -25.42 3.03
C MET A 237 -11.11 -26.79 2.53
N ASN A 238 -12.01 -27.74 2.43
CA ASN A 238 -11.72 -29.04 1.85
C ASN A 238 -11.25 -29.07 0.41
N HIS A 239 -11.71 -28.15 -0.42
CA HIS A 239 -11.24 -28.05 -1.79
CA HIS A 239 -11.25 -28.03 -1.80
C HIS A 239 -9.76 -27.59 -1.78
N CYS A 240 -9.40 -26.74 -0.81
CA CYS A 240 -8.00 -26.31 -0.62
C CYS A 240 -7.10 -27.47 -0.11
N TRP A 241 -7.71 -28.43 0.57
CA TRP A 241 -7.01 -29.60 1.13
C TRP A 241 -7.06 -30.88 0.31
N LYS A 242 -7.31 -30.74 -0.99
CA LYS A 242 -7.24 -31.89 -1.88
C LYS A 242 -5.78 -32.34 -1.94
N GLU A 243 -5.60 -33.65 -2.01
CA GLU A 243 -4.29 -34.31 -2.05
C GLU A 243 -3.40 -33.80 -3.15
N ARG A 244 -3.92 -33.81 -4.38
CA ARG A 244 -3.17 -33.36 -5.55
C ARG A 244 -3.34 -31.84 -5.74
N PRO A 245 -2.23 -31.12 -5.94
CA PRO A 245 -2.27 -29.67 -6.12
C PRO A 245 -3.15 -29.22 -7.28
N GLU A 246 -3.18 -29.97 -8.37
CA GLU A 246 -3.97 -29.60 -9.56
C GLU A 246 -5.48 -29.67 -9.33
N ASP A 247 -5.92 -30.39 -8.29
CA ASP A 247 -7.35 -30.47 -7.92
C ASP A 247 -7.78 -29.30 -6.97
N ARG A 248 -6.82 -28.50 -6.50
CA ARG A 248 -7.15 -27.38 -5.67
C ARG A 248 -7.42 -26.19 -6.59
N PRO A 249 -8.31 -25.29 -6.16
CA PRO A 249 -8.55 -24.05 -6.89
C PRO A 249 -7.43 -23.03 -6.71
N ALA A 250 -7.22 -22.24 -7.76
CA ALA A 250 -6.31 -21.14 -7.72
C ALA A 250 -6.92 -20.03 -6.85
N PHE A 251 -6.08 -19.18 -6.28
CA PHE A 251 -6.56 -18.12 -5.45
C PHE A 251 -7.56 -17.24 -6.22
N SER A 252 -7.35 -17.01 -7.51
CA SER A 252 -8.25 -16.10 -8.22
C SER A 252 -9.69 -16.68 -8.35
N ARG A 253 -9.80 -18.02 -8.32
CA ARG A 253 -11.09 -18.70 -8.29
C ARG A 253 -11.64 -18.74 -6.86
N LEU A 254 -10.80 -19.06 -5.89
CA LEU A 254 -11.22 -19.07 -4.51
C LEU A 254 -11.81 -17.75 -4.11
N LEU A 255 -11.23 -16.65 -4.60
CA LEU A 255 -11.72 -15.32 -4.27
C LEU A 255 -13.19 -15.19 -4.59
N ARG A 256 -13.57 -15.62 -5.80
CA ARG A 256 -14.95 -15.48 -6.24
C ARG A 256 -15.91 -16.48 -5.52
N GLN A 257 -15.42 -17.69 -5.23
CA GLN A 257 -16.20 -18.66 -4.48
C GLN A 257 -16.51 -18.09 -3.08
N LEU A 258 -15.50 -17.55 -2.44
CA LEU A 258 -15.64 -16.96 -1.12
C LEU A 258 -16.62 -15.79 -1.18
N ALA A 259 -16.48 -14.93 -2.19
CA ALA A 259 -17.43 -13.80 -2.34
C ALA A 259 -18.89 -14.25 -2.58
N GLU A 260 -19.06 -15.34 -3.33
CA GLU A 260 -20.42 -15.82 -3.62
C GLU A 260 -21.13 -16.31 -2.34
N ILE A 261 -20.40 -16.93 -1.44
N ILE A 261 -20.38 -16.93 -1.44
CA ILE A 261 -20.95 -17.36 -0.15
CA ILE A 261 -20.90 -17.37 -0.14
C ILE A 261 -21.37 -16.18 0.71
C ILE A 261 -21.35 -16.20 0.73
N ALA A 262 -20.58 -15.10 0.70
CA ALA A 262 -20.88 -13.89 1.48
C ALA A 262 -22.29 -13.39 1.20
N GLU A 263 -22.72 -13.55 -0.05
CA GLU A 263 -24.11 -13.30 -0.41
C GLU A 263 -25.03 -14.46 0.04
N SER A 264 -24.65 -15.70 -0.26
CA SER A 264 -25.49 -16.90 0.01
C SER A 264 -25.37 -17.63 1.38
N GLY A 265 -24.52 -18.67 1.47
CA GLY A 265 -24.56 -19.62 2.60
C GLY A 265 -23.50 -19.62 3.69
N LEU A 266 -23.59 -18.64 4.60
CA LEU A 266 -22.75 -18.56 5.83
C LEU A 266 -23.56 -19.08 7.04
N GLY B 1 -0.91 -7.32 -11.95
CA GLY B 1 -2.11 -7.09 -11.11
C GLY B 1 -3.35 -7.87 -11.52
N SER B 2 -4.40 -7.70 -10.72
CA SER B 2 -5.57 -8.57 -10.95
C SER B 2 -6.56 -7.98 -12.00
N VAL B 3 -7.03 -8.80 -12.94
CA VAL B 3 -8.09 -8.35 -13.85
C VAL B 3 -9.41 -8.50 -13.10
N ILE B 4 -10.26 -7.46 -13.14
CA ILE B 4 -11.56 -7.46 -12.48
C ILE B 4 -12.70 -7.48 -13.54
N ASP B 5 -13.58 -8.47 -13.42
CA ASP B 5 -14.75 -8.61 -14.27
C ASP B 5 -15.75 -7.47 -13.95
N PRO B 6 -16.32 -6.82 -14.98
CA PRO B 6 -17.24 -5.73 -14.64
C PRO B 6 -18.37 -6.09 -13.65
N SER B 7 -18.88 -7.31 -13.73
CA SER B 7 -19.91 -7.76 -12.82
C SER B 7 -19.52 -7.71 -11.33
N GLU B 8 -18.23 -7.61 -11.01
CA GLU B 8 -17.81 -7.57 -9.62
C GLU B 8 -17.85 -6.18 -9.04
N LEU B 9 -18.14 -5.18 -9.86
CA LEU B 9 -18.13 -3.82 -9.42
C LEU B 9 -19.54 -3.29 -9.29
N THR B 10 -19.80 -2.59 -8.19
CA THR B 10 -21.06 -1.87 -7.97
C THR B 10 -20.76 -0.41 -7.95
N PHE B 11 -21.41 0.37 -8.80
CA PHE B 11 -21.21 1.79 -8.89
C PHE B 11 -22.27 2.50 -8.04
N VAL B 12 -21.83 3.27 -7.05
CA VAL B 12 -22.75 3.92 -6.11
C VAL B 12 -22.97 5.39 -6.41
N GLN B 13 -21.87 6.14 -6.55
CA GLN B 13 -22.01 7.59 -6.73
C GLN B 13 -20.86 8.18 -7.52
N GLU B 14 -21.19 9.03 -8.47
CA GLU B 14 -20.18 9.78 -9.22
C GLU B 14 -19.63 10.89 -8.31
N ILE B 15 -18.32 10.92 -8.12
CA ILE B 15 -17.70 11.95 -7.26
C ILE B 15 -16.77 12.92 -7.98
N GLY B 16 -16.42 12.62 -9.22
CA GLY B 16 -15.59 13.53 -10.00
C GLY B 16 -15.67 13.26 -11.48
N SER B 17 -15.39 14.28 -12.28
CA SER B 17 -15.47 14.18 -13.72
C SER B 17 -14.38 15.05 -14.36
N GLY B 18 -13.40 14.42 -15.00
CA GLY B 18 -12.27 15.15 -15.59
C GLY B 18 -12.20 15.10 -17.12
N GLN B 19 -11.00 15.38 -17.66
CA GLN B 19 -10.71 15.27 -19.09
C GLN B 19 -10.28 13.83 -19.41
N PHE B 20 -9.51 13.24 -18.50
CA PHE B 20 -9.01 11.86 -18.62
C PHE B 20 -9.94 10.78 -18.02
N GLY B 21 -11.08 11.19 -17.44
CA GLY B 21 -12.04 10.23 -16.87
C GLY B 21 -12.95 10.66 -15.72
N LEU B 22 -13.97 9.83 -15.47
CA LEU B 22 -14.90 9.98 -14.35
C LEU B 22 -14.41 9.16 -13.16
N VAL B 23 -14.81 9.56 -11.96
CA VAL B 23 -14.49 8.79 -10.75
C VAL B 23 -15.76 8.53 -9.96
N HIS B 24 -15.95 7.26 -9.59
CA HIS B 24 -17.08 6.80 -8.78
C HIS B 24 -16.68 6.17 -7.49
N LEU B 25 -17.46 6.45 -6.46
CA LEU B 25 -17.44 5.63 -5.28
C LEU B 25 -18.19 4.34 -5.65
N GLY B 26 -17.65 3.22 -5.22
CA GLY B 26 -18.27 1.92 -5.48
C GLY B 26 -17.75 0.84 -4.61
N TYR B 27 -18.10 -0.40 -4.95
CA TYR B 27 -17.67 -1.54 -4.17
C TYR B 27 -17.18 -2.66 -5.10
N TRP B 28 -16.19 -3.42 -4.66
CA TRP B 28 -15.73 -4.57 -5.40
C TRP B 28 -16.12 -5.79 -4.59
N LEU B 29 -16.69 -6.79 -5.27
CA LEU B 29 -17.09 -8.01 -4.60
C LEU B 29 -18.08 -7.78 -3.45
N ASN B 30 -18.92 -6.75 -3.57
CA ASN B 30 -19.86 -6.36 -2.51
C ASN B 30 -19.17 -6.25 -1.17
N LYS B 31 -17.93 -5.78 -1.15
CA LYS B 31 -17.13 -5.83 0.06
C LYS B 31 -16.24 -4.58 0.21
N ASP B 32 -15.23 -4.41 -0.65
CA ASP B 32 -14.26 -3.29 -0.48
C ASP B 32 -14.73 -2.00 -1.15
N LYS B 33 -14.74 -0.89 -0.40
CA LYS B 33 -14.98 0.40 -0.97
C LYS B 33 -13.87 0.71 -1.95
N VAL B 34 -14.24 1.19 -3.11
CA VAL B 34 -13.26 1.48 -4.16
C VAL B 34 -13.56 2.79 -4.78
N ALA B 35 -12.53 3.42 -5.34
CA ALA B 35 -12.66 4.55 -6.22
C ALA B 35 -12.40 4.01 -7.60
N ILE B 36 -13.36 4.17 -8.50
CA ILE B 36 -13.34 3.58 -9.85
C ILE B 36 -13.17 4.68 -10.84
N LYS B 37 -12.10 4.60 -11.61
CA LYS B 37 -11.79 5.65 -12.57
C LYS B 37 -12.07 5.10 -13.94
N THR B 38 -13.06 5.68 -14.61
CA THR B 38 -13.49 5.21 -15.90
C THR B 38 -12.85 6.13 -16.91
N ILE B 39 -12.29 5.58 -17.97
CA ILE B 39 -11.62 6.39 -18.98
C ILE B 39 -12.65 7.27 -19.72
N ARG B 40 -12.25 8.48 -20.13
CA ARG B 40 -13.09 9.30 -21.03
C ARG B 40 -12.87 8.76 -22.43
N GLU B 41 -13.81 7.96 -22.93
CA GLU B 41 -13.69 7.35 -24.27
C GLU B 41 -13.52 8.43 -25.34
N GLY B 42 -12.27 8.64 -25.76
CA GLY B 42 -11.93 9.64 -26.76
C GLY B 42 -10.78 10.54 -26.39
N ALA B 43 -10.46 10.63 -25.09
CA ALA B 43 -9.41 11.52 -24.58
C ALA B 43 -8.00 10.94 -24.74
N MET B 44 -7.70 9.88 -24.01
CA MET B 44 -6.44 9.16 -24.12
C MET B 44 -6.71 7.72 -24.55
N SER B 45 -5.66 7.01 -24.99
CA SER B 45 -5.81 5.64 -25.47
C SER B 45 -5.96 4.64 -24.33
N GLU B 46 -6.71 3.58 -24.60
CA GLU B 46 -6.98 2.51 -23.63
C GLU B 46 -5.70 1.84 -23.16
N GLU B 47 -4.80 1.56 -24.11
CA GLU B 47 -3.53 0.90 -23.79
C GLU B 47 -2.67 1.75 -22.81
N ASP B 48 -2.64 3.06 -23.02
CA ASP B 48 -1.87 3.97 -22.17
C ASP B 48 -2.44 4.02 -20.77
N PHE B 49 -3.76 4.09 -20.70
CA PHE B 49 -4.52 4.07 -19.44
C PHE B 49 -4.15 2.87 -18.59
N ILE B 50 -4.10 1.70 -19.22
CA ILE B 50 -3.76 0.46 -18.53
C ILE B 50 -2.28 0.43 -18.14
N GLU B 51 -1.43 0.97 -19.00
CA GLU B 51 0.00 0.98 -18.75
C GLU B 51 0.26 1.72 -17.47
N GLU B 52 -0.44 2.83 -17.27
CA GLU B 52 -0.31 3.56 -16.01
C GLU B 52 -0.60 2.69 -14.81
N ALA B 53 -1.68 1.91 -14.89
CA ALA B 53 -2.05 1.05 -13.77
C ALA B 53 -0.97 -0.02 -13.51
N GLU B 54 -0.45 -0.60 -14.56
CA GLU B 54 0.62 -1.61 -14.48
C GLU B 54 1.88 -1.03 -13.79
N VAL B 55 2.24 0.20 -14.11
CA VAL B 55 3.34 0.89 -13.46
C VAL B 55 3.05 1.07 -11.97
N MET B 56 1.87 1.58 -11.65
CA MET B 56 1.53 1.84 -10.25
C MET B 56 1.47 0.61 -9.37
N MET B 57 1.11 -0.50 -9.98
CA MET B 57 0.87 -1.72 -9.23
C MET B 57 2.17 -2.42 -8.78
N LYS B 58 3.33 -1.94 -9.25
CA LYS B 58 4.64 -2.46 -8.80
C LYS B 58 5.42 -1.40 -8.02
N LEU B 59 4.73 -0.36 -7.58
CA LEU B 59 5.33 0.71 -6.78
C LEU B 59 4.59 0.75 -5.44
N SER B 60 5.17 0.08 -4.45
CA SER B 60 4.57 -0.04 -3.13
C SER B 60 5.28 0.83 -2.06
N HIS B 61 4.55 1.85 -1.58
CA HIS B 61 5.00 2.73 -0.53
C HIS B 61 3.74 3.24 0.22
N PRO B 62 3.83 3.42 1.58
CA PRO B 62 2.68 3.87 2.30
C PRO B 62 2.09 5.22 1.85
N LYS B 63 2.85 6.03 1.12
CA LYS B 63 2.37 7.36 0.70
C LYS B 63 2.12 7.47 -0.80
N LEU B 64 1.91 6.32 -1.40
CA LEU B 64 1.54 6.17 -2.80
C LEU B 64 0.24 5.31 -2.88
N VAL B 65 -0.73 5.82 -3.64
CA VAL B 65 -2.07 5.17 -3.72
C VAL B 65 -1.98 3.82 -4.35
N GLN B 66 -2.86 2.92 -3.96
CA GLN B 66 -2.84 1.56 -4.42
C GLN B 66 -4.11 1.18 -5.21
N LEU B 67 -3.94 0.15 -6.03
CA LEU B 67 -4.98 -0.39 -6.89
C LEU B 67 -5.40 -1.75 -6.43
N TYR B 68 -6.68 -2.05 -6.64
CA TYR B 68 -7.11 -3.45 -6.55
C TYR B 68 -6.99 -4.16 -7.90
N GLY B 69 -7.12 -3.42 -8.98
CA GLY B 69 -7.07 -3.99 -10.27
C GLY B 69 -7.58 -3.13 -11.40
N VAL B 70 -7.73 -3.79 -12.55
N VAL B 70 -7.75 -3.81 -12.53
CA VAL B 70 -8.18 -3.14 -13.77
CA VAL B 70 -8.14 -3.19 -13.80
C VAL B 70 -9.34 -3.91 -14.37
C VAL B 70 -9.32 -3.92 -14.42
N CYS B 71 -10.31 -3.16 -14.90
CA CYS B 71 -11.49 -3.72 -15.52
C CYS B 71 -11.47 -3.34 -17.01
N LEU B 72 -11.01 -4.26 -17.84
CA LEU B 72 -10.72 -3.94 -19.24
C LEU B 72 -11.56 -4.69 -20.29
N GLU B 73 -12.55 -5.43 -19.83
CA GLU B 73 -13.43 -6.25 -20.69
C GLU B 73 -14.14 -5.40 -21.72
N GLN B 74 -14.93 -4.42 -21.26
CA GLN B 74 -15.72 -3.59 -22.15
C GLN B 74 -15.36 -2.11 -22.07
N ALA B 75 -15.29 -1.42 -23.20
CA ALA B 75 -15.13 0.03 -23.18
C ALA B 75 -16.43 0.63 -22.64
N PRO B 76 -16.38 1.62 -21.73
CA PRO B 76 -15.22 2.29 -21.15
C PRO B 76 -14.59 1.47 -20.01
N ILE B 77 -13.30 1.23 -20.14
CA ILE B 77 -12.55 0.45 -19.15
C ILE B 77 -12.33 1.28 -17.91
N CYS B 78 -11.97 0.64 -16.83
CA CYS B 78 -11.72 1.39 -15.63
C CYS B 78 -10.65 0.76 -14.75
N LEU B 79 -10.10 1.61 -13.90
CA LEU B 79 -9.08 1.24 -12.96
C LEU B 79 -9.78 1.28 -11.64
N VAL B 80 -9.51 0.28 -10.80
CA VAL B 80 -10.18 0.17 -9.52
C VAL B 80 -9.20 0.45 -8.38
N PHE B 81 -9.31 1.62 -7.77
CA PHE B 81 -8.44 1.99 -6.63
C PHE B 81 -9.04 1.77 -5.26
N GLU B 82 -8.16 1.74 -4.25
CA GLU B 82 -8.57 1.86 -2.91
C GLU B 82 -9.27 3.18 -2.80
N PHE B 83 -10.22 3.29 -1.90
CA PHE B 83 -11.01 4.51 -1.76
C PHE B 83 -10.39 5.35 -0.66
N MET B 84 -10.02 6.58 -0.97
CA MET B 84 -9.39 7.50 0.01
C MET B 84 -10.51 8.33 0.63
N GLU B 85 -10.74 8.14 1.93
CA GLU B 85 -11.90 8.70 2.61
C GLU B 85 -12.13 10.19 2.48
N HIS B 86 -11.12 11.02 2.33
CA HIS B 86 -11.33 12.50 2.36
C HIS B 86 -11.04 13.24 1.05
N GLY B 87 -10.89 12.49 -0.04
CA GLY B 87 -10.73 13.11 -1.34
C GLY B 87 -9.43 13.80 -1.66
N CYS B 88 -9.47 14.79 -2.55
CA CYS B 88 -8.21 15.33 -2.96
C CYS B 88 -7.77 16.43 -2.01
N LEU B 89 -6.46 16.57 -1.92
CA LEU B 89 -5.80 17.49 -1.03
C LEU B 89 -6.18 18.95 -1.25
N SER B 90 -6.23 19.39 -2.51
CA SER B 90 -6.58 20.80 -2.76
C SER B 90 -7.98 21.12 -2.21
N ASP B 91 -8.97 20.25 -2.47
CA ASP B 91 -10.35 20.47 -1.93
C ASP B 91 -10.39 20.38 -0.41
N TYR B 92 -9.69 19.40 0.16
CA TYR B 92 -9.67 19.22 1.61
C TYR B 92 -9.14 20.44 2.34
N LEU B 93 -8.10 21.02 1.78
CA LEU B 93 -7.46 22.20 2.35
C LEU B 93 -8.42 23.39 2.36
N ARG B 94 -9.15 23.57 1.26
CA ARG B 94 -10.04 24.74 1.10
C ARG B 94 -11.24 24.64 2.00
N THR B 95 -11.80 23.44 2.11
CA THR B 95 -12.98 23.22 2.96
C THR B 95 -12.60 23.30 4.44
N GLN B 96 -11.41 22.84 4.81
CA GLN B 96 -10.99 22.90 6.22
C GLN B 96 -10.16 24.16 6.54
N ARG B 97 -10.17 25.15 5.65
CA ARG B 97 -9.34 26.35 5.82
C ARG B 97 -9.65 27.05 7.16
N GLY B 98 -8.59 27.36 7.92
CA GLY B 98 -8.67 27.99 9.25
C GLY B 98 -8.62 27.00 10.41
N LEU B 99 -8.69 25.71 10.11
CA LEU B 99 -8.74 24.69 11.15
C LEU B 99 -7.42 23.94 11.26
N PHE B 100 -6.37 24.43 10.59
CA PHE B 100 -5.10 23.71 10.50
C PHE B 100 -3.99 24.37 11.33
N ALA B 101 -3.30 23.55 12.12
CA ALA B 101 -2.08 23.96 12.79
C ALA B 101 -0.94 23.88 11.76
N ALA B 102 0.07 24.74 11.89
CA ALA B 102 1.21 24.68 10.99
C ALA B 102 1.89 23.28 11.00
N GLU B 103 1.95 22.65 12.17
CA GLU B 103 2.50 21.31 12.29
C GLU B 103 1.76 20.31 11.39
N THR B 104 0.43 20.41 11.32
CA THR B 104 -0.37 19.54 10.47
C THR B 104 -0.02 19.74 9.00
N LEU B 105 0.19 20.99 8.60
CA LEU B 105 0.49 21.29 7.21
C LEU B 105 1.88 20.77 6.84
N LEU B 106 2.85 20.97 7.71
CA LEU B 106 4.15 20.42 7.47
C LEU B 106 4.10 18.88 7.36
N GLY B 107 3.29 18.24 8.20
CA GLY B 107 3.09 16.77 8.14
C GLY B 107 2.59 16.27 6.79
N MET B 108 1.73 17.07 6.16
CA MET B 108 1.18 16.75 4.83
C MET B 108 2.27 16.83 3.78
N CYS B 109 3.11 17.86 3.88
CA CYS B 109 4.26 17.99 3.02
C CYS B 109 5.24 16.83 3.17
N LEU B 110 5.50 16.44 4.42
CA LEU B 110 6.38 15.31 4.69
C LEU B 110 5.85 14.03 4.04
N ASP B 111 4.53 13.77 4.12
CA ASP B 111 3.92 12.55 3.55
C ASP B 111 4.20 12.50 2.03
N VAL B 112 3.87 13.59 1.33
CA VAL B 112 4.14 13.72 -0.11
C VAL B 112 5.63 13.52 -0.42
N CYS B 113 6.46 14.17 0.37
CA CYS B 113 7.90 14.08 0.16
C CYS B 113 8.38 12.63 0.34
N GLU B 114 7.84 11.91 1.29
CA GLU B 114 8.20 10.50 1.46
C GLU B 114 7.88 9.70 0.21
N GLY B 115 6.68 9.89 -0.34
CA GLY B 115 6.25 9.18 -1.55
C GLY B 115 7.12 9.58 -2.71
N MET B 116 7.44 10.86 -2.80
CA MET B 116 8.25 11.33 -3.89
C MET B 116 9.70 10.86 -3.84
N ALA B 117 10.28 10.70 -2.65
CA ALA B 117 11.63 10.20 -2.53
C ALA B 117 11.73 8.75 -3.00
N TYR B 118 10.67 7.97 -2.76
CA TYR B 118 10.61 6.59 -3.22
C TYR B 118 10.56 6.56 -4.76
N LEU B 119 9.70 7.39 -5.36
CA LEU B 119 9.61 7.49 -6.81
C LEU B 119 10.94 7.95 -7.44
N GLU B 120 11.57 8.96 -6.85
CA GLU B 120 12.88 9.45 -7.27
C GLU B 120 13.92 8.31 -7.32
N GLU B 121 13.90 7.46 -6.28
CA GLU B 121 14.81 6.33 -6.17
C GLU B 121 14.49 5.29 -7.25
N ALA B 122 13.21 5.04 -7.49
CA ALA B 122 12.77 4.15 -8.59
C ALA B 122 12.97 4.74 -10.00
N CYS B 123 13.39 6.00 -10.09
CA CYS B 123 13.59 6.72 -11.35
C CYS B 123 12.25 6.92 -12.08
N VAL B 124 11.23 7.22 -11.30
CA VAL B 124 9.89 7.47 -11.81
C VAL B 124 9.62 8.94 -11.68
N ILE B 125 9.35 9.59 -12.81
CA ILE B 125 9.10 11.03 -12.84
C ILE B 125 7.58 11.22 -12.86
N HIS B 126 7.07 12.05 -11.96
CA HIS B 126 5.64 12.21 -11.86
C HIS B 126 5.09 13.02 -13.03
N ARG B 127 5.65 14.22 -13.20
CA ARG B 127 5.32 15.19 -14.26
C ARG B 127 4.12 16.09 -14.02
N ASP B 128 3.29 15.75 -13.03
CA ASP B 128 2.12 16.53 -12.73
C ASP B 128 1.82 16.58 -11.24
N LEU B 129 2.85 16.84 -10.43
CA LEU B 129 2.69 16.87 -8.99
C LEU B 129 2.07 18.21 -8.59
N ALA B 130 0.98 18.11 -7.83
CA ALA B 130 0.16 19.25 -7.41
C ALA B 130 -0.83 18.73 -6.39
N ALA B 131 -1.41 19.62 -5.60
CA ALA B 131 -2.31 19.17 -4.51
C ALA B 131 -3.52 18.44 -5.06
N ARG B 132 -3.95 18.81 -6.25
CA ARG B 132 -5.07 18.13 -6.88
C ARG B 132 -4.79 16.67 -7.22
N ASN B 133 -3.51 16.26 -7.25
CA ASN B 133 -3.16 14.88 -7.52
C ASN B 133 -2.62 14.18 -6.25
N CYS B 134 -2.96 14.73 -5.10
CA CYS B 134 -2.75 14.07 -3.82
C CYS B 134 -4.11 13.82 -3.20
N LEU B 135 -4.18 12.72 -2.46
CA LEU B 135 -5.38 12.27 -1.81
C LEU B 135 -5.20 12.24 -0.29
N VAL B 136 -6.31 12.36 0.44
CA VAL B 136 -6.35 12.40 1.90
C VAL B 136 -7.08 11.19 2.48
N GLY B 137 -6.41 10.43 3.34
CA GLY B 137 -6.99 9.21 3.94
C GLY B 137 -7.39 9.52 5.36
N GLU B 138 -7.67 8.48 6.12
CA GLU B 138 -8.05 8.68 7.52
C GLU B 138 -6.81 9.14 8.30
N ASN B 139 -7.08 9.94 9.33
CA ASN B 139 -6.04 10.59 10.13
C ASN B 139 -5.22 11.55 9.29
N GLN B 140 -5.81 11.97 8.17
CA GLN B 140 -5.20 12.93 7.25
C GLN B 140 -3.85 12.53 6.67
N VAL B 141 -3.62 11.22 6.51
CA VAL B 141 -2.46 10.74 5.79
C VAL B 141 -2.62 11.21 4.34
N ILE B 142 -1.56 11.74 3.75
CA ILE B 142 -1.63 12.10 2.32
C ILE B 142 -0.91 11.05 1.46
N LYS B 143 -1.55 10.63 0.37
CA LYS B 143 -0.92 9.80 -0.62
C LYS B 143 -0.90 10.55 -1.96
N VAL B 144 0.20 10.35 -2.66
CA VAL B 144 0.41 10.79 -4.03
C VAL B 144 -0.35 9.87 -4.96
N SER B 145 -0.98 10.49 -5.95
CA SER B 145 -1.81 9.82 -6.90
C SER B 145 -1.29 10.14 -8.30
N ASP B 146 -1.83 9.40 -9.29
CA ASP B 146 -1.56 9.60 -10.74
C ASP B 146 -0.08 9.71 -11.09
N PHE B 147 0.73 8.79 -10.55
CA PHE B 147 2.22 8.83 -10.66
C PHE B 147 2.78 7.86 -11.70
N GLY B 148 1.91 7.28 -12.51
CA GLY B 148 2.36 6.33 -13.52
C GLY B 148 2.26 6.82 -14.97
N MET B 149 2.19 8.14 -15.17
CA MET B 149 2.04 8.72 -16.51
C MET B 149 3.38 8.88 -17.21
N THR B 150 3.40 8.55 -18.49
CA THR B 150 4.56 8.77 -19.37
C THR B 150 4.73 10.27 -19.64
N PRO B 167 -0.18 22.55 -17.61
CA PRO B 167 -0.30 23.13 -16.27
C PRO B 167 0.97 23.90 -15.86
N VAL B 168 1.17 25.07 -16.48
CA VAL B 168 2.39 25.91 -16.31
C VAL B 168 2.73 26.35 -14.88
N LYS B 169 1.69 26.49 -14.07
CA LYS B 169 1.86 26.95 -12.70
C LYS B 169 2.71 26.04 -11.84
N TRP B 170 2.79 24.76 -12.21
CA TRP B 170 3.56 23.79 -11.44
C TRP B 170 4.86 23.36 -12.14
N ALA B 171 5.14 23.99 -13.29
CA ALA B 171 6.27 23.61 -14.14
C ALA B 171 7.52 24.44 -13.84
N SER B 172 8.66 23.76 -13.82
CA SER B 172 9.96 24.43 -13.72
C SER B 172 10.32 25.10 -15.06
N PRO B 173 11.25 26.06 -15.05
CA PRO B 173 11.60 26.69 -16.31
C PRO B 173 12.07 25.74 -17.41
N GLU B 174 12.85 24.73 -17.05
CA GLU B 174 13.35 23.80 -18.07
C GLU B 174 12.19 23.00 -18.67
N VAL B 175 11.11 22.81 -17.91
CA VAL B 175 9.91 22.16 -18.44
C VAL B 175 9.08 23.08 -19.31
N PHE B 176 8.73 24.27 -18.82
CA PHE B 176 7.92 25.16 -19.64
C PHE B 176 8.70 25.71 -20.84
N SER B 177 10.04 25.69 -20.77
CA SER B 177 10.84 26.12 -21.90
C SER B 177 11.22 24.95 -22.82
N PHE B 178 11.73 23.86 -22.26
CA PHE B 178 12.28 22.76 -23.07
C PHE B 178 11.66 21.37 -22.90
N SER B 179 10.63 21.23 -22.06
CA SER B 179 10.06 19.91 -21.72
C SER B 179 11.13 18.95 -21.17
N ARG B 180 12.01 19.45 -20.29
CA ARG B 180 13.06 18.60 -19.72
C ARG B 180 12.65 18.17 -18.34
N TYR B 181 11.93 17.06 -18.32
CA TYR B 181 11.40 16.45 -17.11
C TYR B 181 12.46 15.65 -16.37
N SER B 182 12.49 15.79 -15.04
CA SER B 182 13.42 15.01 -14.21
C SER B 182 12.90 15.00 -12.79
N SER B 183 13.53 14.27 -11.89
CA SER B 183 13.08 14.36 -10.48
C SER B 183 13.24 15.79 -9.94
N LYS B 184 14.21 16.54 -10.48
CA LYS B 184 14.37 17.93 -10.07
C LYS B 184 13.26 18.86 -10.58
N SER B 185 12.63 18.55 -11.71
CA SER B 185 11.47 19.31 -12.17
C SER B 185 10.29 18.95 -11.25
N ASP B 186 10.17 17.68 -10.85
CA ASP B 186 9.18 17.32 -9.81
C ASP B 186 9.38 18.08 -8.49
N VAL B 187 10.63 18.33 -8.12
CA VAL B 187 10.99 19.08 -6.93
C VAL B 187 10.45 20.49 -7.03
N TRP B 188 10.62 21.13 -8.20
CA TRP B 188 10.02 22.45 -8.42
C TRP B 188 8.51 22.39 -8.11
N SER B 189 7.85 21.37 -8.67
CA SER B 189 6.39 21.20 -8.49
C SER B 189 6.02 21.05 -7.03
N PHE B 190 6.87 20.30 -6.33
CA PHE B 190 6.68 20.09 -4.94
C PHE B 190 6.76 21.40 -4.18
N GLY B 191 7.63 22.32 -4.59
CA GLY B 191 7.65 23.63 -4.01
C GLY B 191 6.28 24.31 -4.12
N VAL B 192 5.69 24.24 -5.31
CA VAL B 192 4.42 24.88 -5.53
C VAL B 192 3.35 24.16 -4.68
N LEU B 193 3.45 22.84 -4.58
CA LEU B 193 2.52 22.07 -3.73
C LEU B 193 2.65 22.48 -2.26
N MET B 194 3.87 22.74 -1.78
CA MET B 194 4.06 23.23 -0.42
C MET B 194 3.36 24.57 -0.23
N TRP B 195 3.44 25.45 -1.22
CA TRP B 195 2.75 26.73 -1.15
C TRP B 195 1.23 26.50 -1.11
N GLU B 196 0.74 25.60 -1.95
CA GLU B 196 -0.68 25.21 -1.91
C GLU B 196 -1.12 24.75 -0.50
N VAL B 197 -0.32 23.90 0.13
CA VAL B 197 -0.62 23.42 1.47
C VAL B 197 -0.60 24.55 2.51
N PHE B 198 0.45 25.36 2.54
CA PHE B 198 0.55 26.34 3.59
C PHE B 198 -0.38 27.52 3.45
N SER B 199 -0.87 27.74 2.23
CA SER B 199 -1.89 28.76 1.92
C SER B 199 -3.31 28.19 2.07
N GLU B 200 -3.37 26.91 2.40
CA GLU B 200 -4.64 26.21 2.61
C GLU B 200 -5.51 26.18 1.32
N GLY B 201 -4.89 25.82 0.20
CA GLY B 201 -5.61 25.58 -1.06
C GLY B 201 -5.86 26.75 -1.96
N LYS B 202 -5.06 27.78 -1.86
CA LYS B 202 -5.18 28.92 -2.80
C LYS B 202 -4.63 28.52 -4.17
N ILE B 203 -5.06 29.21 -5.21
CA ILE B 203 -4.57 28.95 -6.57
C ILE B 203 -3.28 29.75 -6.77
N PRO B 204 -2.15 29.08 -7.03
CA PRO B 204 -0.89 29.83 -7.22
C PRO B 204 -0.93 30.70 -8.45
N TYR B 205 -0.31 31.87 -8.39
CA TYR B 205 -0.26 32.77 -9.55
C TYR B 205 -1.69 33.06 -10.05
N GLU B 206 -2.61 33.29 -9.10
CA GLU B 206 -4.04 33.44 -9.39
C GLU B 206 -4.40 34.53 -10.42
N ASN B 207 -5.29 34.16 -11.35
CA ASN B 207 -5.78 35.07 -12.42
C ASN B 207 -4.71 35.60 -13.38
N ARG B 208 -3.69 34.77 -13.62
CA ARG B 208 -2.55 35.15 -14.45
C ARG B 208 -2.41 34.11 -15.55
N SER B 209 -2.42 34.57 -16.81
CA SER B 209 -2.28 33.68 -17.96
C SER B 209 -0.96 32.90 -17.93
N ASN B 210 -0.89 31.84 -18.74
CA ASN B 210 0.26 30.97 -18.73
C ASN B 210 1.45 31.61 -19.43
N SER B 211 1.16 32.42 -20.45
CA SER B 211 2.19 33.23 -21.10
C SER B 211 2.86 34.14 -20.07
N GLU B 212 2.05 34.71 -19.19
CA GLU B 212 2.57 35.63 -18.18
C GLU B 212 3.21 34.98 -16.95
N VAL B 213 2.84 33.75 -16.58
CA VAL B 213 3.49 33.13 -15.43
C VAL B 213 4.96 32.91 -15.77
N VAL B 214 5.20 32.37 -16.97
CA VAL B 214 6.56 32.18 -17.51
C VAL B 214 7.34 33.46 -17.41
N GLU B 215 6.75 34.52 -17.94
CA GLU B 215 7.39 35.81 -17.91
C GLU B 215 7.76 36.15 -16.47
N ASP B 216 6.78 35.98 -15.57
CA ASP B 216 6.97 36.37 -14.20
C ASP B 216 8.14 35.58 -13.58
N ILE B 217 8.21 34.27 -13.82
CA ILE B 217 9.25 33.38 -13.26
C ILE B 217 10.63 33.56 -13.86
N SER B 218 10.67 33.81 -15.18
CA SER B 218 11.92 33.96 -15.92
C SER B 218 12.61 35.25 -15.49
N THR B 219 11.79 36.14 -14.96
CA THR B 219 12.26 37.39 -14.41
C THR B 219 12.76 37.24 -12.98
N GLY B 220 12.08 36.38 -12.23
CA GLY B 220 12.32 36.21 -10.80
C GLY B 220 11.07 36.34 -9.93
N PHE B 221 9.87 36.42 -10.52
CA PHE B 221 8.67 36.38 -9.70
C PHE B 221 8.75 35.01 -8.99
N ARG B 222 8.12 34.93 -7.83
CA ARG B 222 8.01 33.71 -7.04
C ARG B 222 6.76 33.88 -6.18
N LEU B 223 6.16 32.81 -5.73
CA LEU B 223 4.98 32.99 -4.89
C LEU B 223 5.46 33.66 -3.59
N TYR B 224 4.62 34.56 -3.04
CA TYR B 224 4.92 35.22 -1.75
C TYR B 224 4.74 34.19 -0.63
N LYS B 225 5.24 34.53 0.56
CA LYS B 225 5.22 33.62 1.71
C LYS B 225 3.82 33.57 2.35
N PRO B 226 3.19 32.39 2.38
CA PRO B 226 1.90 32.25 3.08
C PRO B 226 2.00 32.56 4.59
N ARG B 227 1.00 33.19 5.16
CA ARG B 227 0.98 33.50 6.60
C ARG B 227 1.41 32.33 7.51
N LEU B 228 0.93 31.13 7.22
CA LEU B 228 1.19 29.95 8.09
C LEU B 228 2.54 29.28 7.93
N ALA B 229 3.30 29.71 6.92
CA ALA B 229 4.62 29.20 6.67
C ALA B 229 5.66 30.01 7.40
N SER B 230 6.42 29.39 8.30
CA SER B 230 7.58 30.05 8.92
C SER B 230 8.63 30.45 7.89
N THR B 231 9.54 31.29 8.32
CA THR B 231 10.67 31.66 7.50
C THR B 231 11.41 30.40 7.04
N HIS B 232 11.60 29.43 7.93
CA HIS B 232 12.27 28.19 7.57
C HIS B 232 11.54 27.39 6.50
N VAL B 233 10.21 27.37 6.57
CA VAL B 233 9.45 26.65 5.57
C VAL B 233 9.58 27.34 4.20
N TYR B 234 9.47 28.65 4.20
CA TYR B 234 9.60 29.42 2.97
C TYR B 234 10.98 29.27 2.36
N GLN B 235 12.02 29.26 3.20
CA GLN B 235 13.36 28.95 2.68
C GLN B 235 13.37 27.67 1.85
N ILE B 236 12.73 26.61 2.34
CA ILE B 236 12.72 25.33 1.61
C ILE B 236 11.95 25.41 0.29
N MET B 237 10.80 26.08 0.30
CA MET B 237 10.08 26.36 -0.92
C MET B 237 11.00 27.07 -1.94
N ASN B 238 11.82 28.01 -1.50
CA ASN B 238 12.72 28.70 -2.44
C ASN B 238 13.85 27.87 -2.97
N HIS B 239 14.32 26.92 -2.16
N HIS B 239 14.30 26.90 -2.16
CA HIS B 239 15.34 26.01 -2.64
CA HIS B 239 15.34 25.98 -2.58
C HIS B 239 14.75 25.18 -3.79
C HIS B 239 14.78 25.12 -3.72
N CYS B 240 13.48 24.84 -3.67
CA CYS B 240 12.77 24.08 -4.70
C CYS B 240 12.58 24.87 -5.99
N TRP B 241 12.53 26.20 -5.89
CA TRP B 241 12.35 27.08 -7.04
C TRP B 241 13.63 27.77 -7.56
N LYS B 242 14.77 27.09 -7.41
CA LYS B 242 16.01 27.60 -7.99
C LYS B 242 15.90 27.41 -9.51
N GLU B 243 16.44 28.36 -10.25
CA GLU B 243 16.37 28.34 -11.70
C GLU B 243 17.04 27.07 -12.28
N ARG B 244 18.20 26.67 -11.76
CA ARG B 244 18.87 25.47 -12.26
C ARG B 244 18.49 24.22 -11.47
N PRO B 245 18.11 23.13 -12.15
CA PRO B 245 17.72 21.91 -11.42
C PRO B 245 18.84 21.36 -10.53
N GLU B 246 20.08 21.51 -10.96
CA GLU B 246 21.23 21.07 -10.17
C GLU B 246 21.31 21.78 -8.82
N ASP B 247 20.76 23.00 -8.75
CA ASP B 247 20.72 23.76 -7.50
C ASP B 247 19.56 23.39 -6.58
N ARG B 248 18.64 22.52 -7.03
CA ARG B 248 17.51 22.14 -6.19
C ARG B 248 17.88 20.90 -5.41
N PRO B 249 17.33 20.75 -4.19
CA PRO B 249 17.60 19.54 -3.44
C PRO B 249 16.83 18.35 -4.03
N ALA B 250 17.42 17.15 -3.98
CA ALA B 250 16.69 15.94 -4.31
C ALA B 250 15.63 15.67 -3.22
N PHE B 251 14.59 14.91 -3.55
CA PHE B 251 13.58 14.57 -2.55
C PHE B 251 14.14 13.89 -1.31
N SER B 252 15.16 13.05 -1.48
CA SER B 252 15.79 12.38 -0.34
C SER B 252 16.33 13.39 0.67
N ARG B 253 16.84 14.51 0.18
CA ARG B 253 17.43 15.55 1.04
C ARG B 253 16.34 16.45 1.61
N LEU B 254 15.40 16.87 0.78
CA LEU B 254 14.23 17.63 1.23
C LEU B 254 13.53 16.98 2.41
N LEU B 255 13.41 15.67 2.36
CA LEU B 255 12.70 14.94 3.37
C LEU B 255 13.32 15.22 4.73
N ARG B 256 14.66 15.22 4.79
CA ARG B 256 15.34 15.43 6.04
C ARG B 256 15.36 16.89 6.46
N GLN B 257 15.32 17.79 5.48
CA GLN B 257 15.25 19.24 5.74
C GLN B 257 13.89 19.56 6.37
N LEU B 258 12.84 19.01 5.79
CA LEU B 258 11.50 19.23 6.31
C LEU B 258 11.36 18.64 7.69
N ALA B 259 11.98 17.47 7.91
CA ALA B 259 11.91 16.81 9.21
C ALA B 259 12.57 17.60 10.33
N GLU B 260 13.76 18.17 10.06
CA GLU B 260 14.50 19.02 10.99
C GLU B 260 13.69 20.24 11.44
N ILE B 261 12.97 20.88 10.53
CA ILE B 261 12.07 21.99 10.83
C ILE B 261 10.93 21.60 11.79
N ALA B 262 10.35 20.42 11.55
CA ALA B 262 9.26 19.90 12.38
C ALA B 262 9.71 19.77 13.82
N GLU B 263 10.95 19.33 14.02
CA GLU B 263 11.52 19.18 15.35
C GLU B 263 12.04 20.50 15.96
N SER B 264 11.91 21.65 15.29
CA SER B 264 12.54 22.89 15.79
C SER B 264 11.87 24.26 15.54
N GLY B 265 11.49 24.57 14.29
CA GLY B 265 11.06 25.94 13.95
C GLY B 265 10.05 26.19 12.84
N LEU B 266 8.77 26.01 13.21
CA LEU B 266 7.57 26.32 12.39
C LEU B 266 6.98 27.69 12.78
C01 G7K C . 6.39 -7.60 8.51
O05 G7K C . 6.56 -7.20 9.87
C06 G7K C . 5.61 -6.45 10.45
C07 G7K C . 5.08 -5.39 9.70
C09 G7K C . 4.10 -4.59 10.29
C11 G7K C . 3.73 -4.83 11.61
N12 G7K C . 2.77 -4.19 12.40
C13 G7K C . 2.74 -4.76 13.58
N14 G7K C . 1.94 -4.33 14.56
C16 G7K C . 1.73 -4.86 15.83
C17 G7K C . 0.86 -4.27 16.74
C19 G7K C . 0.73 -4.95 17.95
N20 G7K C . 1.40 -6.05 18.26
C21 G7K C . 2.23 -6.52 17.31
N22 G7K C . 2.90 -7.64 17.61
C24 G7K C . 3.78 -8.33 16.68
C26 G7K C . 2.97 -9.15 15.69
C29 G7K C . 3.87 -9.95 14.75
C32 G7K C . 4.85 -10.83 15.52
O34 G7K C . 5.72 -11.52 14.64
C36 G7K C . 5.66 -9.99 16.47
C39 G7K C . 4.76 -9.21 17.42
N42 G7K C . 2.42 -5.99 16.08
C43 G7K C . -0.18 -4.41 19.03
F44 G7K C . -0.66 -3.03 18.72
F45 G7K C . 0.53 -4.23 20.17
C46 G7K C . -1.28 -5.38 19.44
C47 G7K C . -2.62 -5.13 19.16
C49 G7K C . -3.61 -6.00 19.54
C51 G7K C . -3.26 -7.14 20.21
F52 G7K C . -4.24 -8.02 20.58
C53 G7K C . -1.95 -7.43 20.54
C55 G7K C . -0.96 -6.54 20.14
S57 G7K C . 3.78 -6.14 13.84
C58 G7K C . 4.37 -5.91 12.23
N59 G7K C . 5.27 -6.72 11.70
C01 G7K D . -6.37 7.51 -8.56
O05 G7K D . -7.62 8.10 -8.42
C06 G7K D . -8.21 8.05 -7.20
C07 G7K D . -7.83 7.01 -6.34
C09 G7K D . -8.44 6.92 -5.13
C11 G7K D . -9.42 7.85 -4.76
N12 G7K D . -10.15 7.98 -3.59
C13 G7K D . -10.96 9.01 -3.69
N14 G7K D . -11.83 9.38 -2.74
C16 G7K D . -12.68 10.49 -2.70
C17 G7K D . -13.49 10.72 -1.58
C19 G7K D . -14.28 11.86 -1.66
N20 G7K D . -14.31 12.68 -2.72
C21 G7K D . -13.51 12.34 -3.73
N22 G7K D . -13.50 13.15 -4.80
C24 G7K D . -12.59 12.97 -5.93
C26 G7K D . -11.23 13.58 -5.62
C29 G7K D . -10.27 13.42 -6.79
C32 G7K D . -10.85 14.03 -8.06
O34 G7K D . -9.95 13.74 -9.13
C36 G7K D . -12.20 13.42 -8.36
C39 G7K D . -13.16 13.58 -7.18
N42 G7K D . -12.67 11.27 -3.78
C43 G7K D . -15.23 12.22 -0.51
F44 G7K D . -15.04 13.65 -0.12
F45 G7K D . -15.05 11.38 0.54
C46 G7K D . -16.62 11.91 -1.00
C47 G7K D . -17.27 10.71 -0.69
C49 G7K D . -18.54 10.43 -1.14
C51 G7K D . -19.18 11.39 -1.88
F52 G7K D . -20.45 11.14 -2.32
C53 G7K D . -18.60 12.58 -2.21
C55 G7K D . -17.32 12.84 -1.76
S57 G7K D . -10.91 9.91 -5.18
C58 G7K D . -9.72 8.81 -5.74
N59 G7K D . -9.14 8.94 -6.93
S SO4 E . -10.04 30.60 -2.90
O1 SO4 E . -9.41 29.31 -2.65
O2 SO4 E . -9.63 31.06 -4.23
O3 SO4 E . -11.50 30.46 -2.94
O4 SO4 E . -9.63 31.56 -1.86
#